data_7S7J
#
_entry.id   7S7J
#
_cell.length_a   79.614
_cell.length_b   79.614
_cell.length_c   36.331
_cell.angle_alpha   90.000
_cell.angle_beta   90.000
_cell.angle_gamma   90.000
#
_symmetry.space_group_name_H-M   'I 41'
#
loop_
_entity.id
_entity.type
_entity.pdbx_description
1 polymer Spastin
2 polymer 'IST1 homolog'
3 non-polymer 'TETRAETHYLENE GLYCOL'
4 non-polymer 'CALCIUM ION'
5 non-polymer 'TRIETHYLENE GLYCOL'
6 non-polymer 'CHLORIDE ION'
7 water water
#
loop_
_entity_poly.entity_id
_entity_poly.type
_entity_poly.pdbx_seq_one_letter_code
_entity_poly.pdbx_strand_id
1 'polypeptide(L)'
;EAERVRVFHKQAFEYISIALRIDEDEKAGQKEQAVEWYKKGIEELEKGIAVIVTGQGEQCERARRLQAKMMTNLVMAKDR
LQLL
;
A
2 'polypeptide(L)' TSASEDIDFDDLSRRFEELKKKT B
#
# COMPACT_ATOMS: atom_id res chain seq x y z
N GLU A 1 -8.66 -5.32 -15.80
CA GLU A 1 -10.01 -5.49 -15.26
C GLU A 1 -9.91 -6.09 -13.84
N ALA A 2 -11.00 -6.61 -13.29
CA ALA A 2 -11.02 -6.91 -11.86
C ALA A 2 -9.97 -7.94 -11.45
N GLU A 3 -9.76 -8.96 -12.28
CA GLU A 3 -8.80 -10.01 -11.90
C GLU A 3 -7.42 -9.42 -11.65
N ARG A 4 -6.96 -8.55 -12.55
CA ARG A 4 -5.64 -7.96 -12.38
C ARG A 4 -5.60 -7.06 -11.16
N VAL A 5 -6.66 -6.30 -10.88
CA VAL A 5 -6.69 -5.50 -9.66
C VAL A 5 -6.48 -6.37 -8.44
N ARG A 6 -7.19 -7.49 -8.37
CA ARG A 6 -7.09 -8.34 -7.18
C ARG A 6 -5.67 -8.83 -6.96
N VAL A 7 -4.97 -9.19 -8.03
CA VAL A 7 -3.60 -9.70 -7.90
C VAL A 7 -2.67 -8.60 -7.39
N PHE A 8 -2.73 -7.41 -8.00
CA PHE A 8 -1.87 -6.32 -7.55
C PHE A 8 -2.22 -5.90 -6.13
N HIS A 9 -3.51 -5.85 -5.81
CA HIS A 9 -3.93 -5.47 -4.47
C HIS A 9 -3.32 -6.38 -3.42
N LYS A 10 -3.43 -7.68 -3.62
CA LYS A 10 -2.93 -8.61 -2.63
C LYS A 10 -1.41 -8.51 -2.51
N GLN A 11 -0.71 -8.41 -3.64
CA GLN A 11 0.75 -8.35 -3.57
C GLN A 11 1.21 -7.06 -2.92
N ALA A 12 0.57 -5.95 -3.26
CA ALA A 12 0.90 -4.67 -2.64
C ALA A 12 0.66 -4.74 -1.14
N PHE A 13 -0.47 -5.32 -0.74
CA PHE A 13 -0.79 -5.40 0.68
C PHE A 13 0.30 -6.12 1.44
N GLU A 14 0.80 -7.22 0.89
CA GLU A 14 1.85 -7.99 1.56
C GLU A 14 3.16 -7.22 1.62
N TYR A 15 3.57 -6.57 0.53
CA TYR A 15 4.82 -5.83 0.57
C TYR A 15 4.74 -4.63 1.50
N ILE A 16 3.65 -3.87 1.46
CA ILE A 16 3.52 -2.74 2.37
C ILE A 16 3.45 -3.21 3.81
N SER A 17 2.77 -4.32 4.07
CA SER A 17 2.69 -4.82 5.42
C SER A 17 4.06 -5.17 6.00
N ILE A 18 4.91 -5.86 5.25
CA ILE A 18 6.22 -6.20 5.81
C ILE A 18 7.07 -4.95 5.99
N ALA A 19 7.01 -4.02 5.04
CA ALA A 19 7.74 -2.75 5.18
C ALA A 19 7.33 -2.04 6.46
N LEU A 20 6.01 -1.96 6.71
CA LEU A 20 5.52 -1.28 7.91
C LEU A 20 6.01 -1.97 9.16
N ARG A 21 5.97 -3.31 9.19
CA ARG A 21 6.42 -4.07 10.35
CA ARG A 21 6.42 -4.06 10.36
C ARG A 21 7.87 -3.75 10.66
N ILE A 22 8.72 -3.69 9.64
CA ILE A 22 10.12 -3.38 9.86
C ILE A 22 10.29 -1.93 10.33
N ASP A 23 9.59 -1.01 9.68
CA ASP A 23 9.69 0.41 10.00
C ASP A 23 9.20 0.69 11.41
N GLU A 24 8.19 -0.03 11.88
CA GLU A 24 7.63 0.14 13.20
C GLU A 24 8.50 -0.43 14.29
N ASP A 25 9.43 -1.33 13.96
CA ASP A 25 10.23 -2.00 14.99
C ASP A 25 11.28 -1.03 15.50
N GLU A 26 11.17 -0.66 16.78
CA GLU A 26 11.96 0.44 17.35
C GLU A 26 13.46 0.22 17.24
N LYS A 27 13.91 -1.03 17.14
CA LYS A 27 15.34 -1.29 17.00
C LYS A 27 15.89 -0.55 15.79
N ALA A 28 17.18 -0.22 15.83
CA ALA A 28 17.81 0.62 14.83
C ALA A 28 18.49 -0.20 13.75
N GLY A 29 18.77 0.47 12.61
CA GLY A 29 19.59 -0.08 11.57
C GLY A 29 18.87 -0.83 10.46
N GLN A 30 17.53 -0.93 10.50
CA GLN A 30 16.79 -1.73 9.53
C GLN A 30 15.92 -0.90 8.60
N LYS A 31 16.07 0.43 8.59
CA LYS A 31 15.28 1.22 7.66
C LYS A 31 15.63 0.89 6.22
N GLU A 32 16.89 0.53 5.95
CA GLU A 32 17.27 0.21 4.57
C GLU A 32 16.49 -0.98 4.05
N GLN A 33 16.19 -1.96 4.91
CA GLN A 33 15.34 -3.06 4.50
C GLN A 33 13.92 -2.59 4.25
N ALA A 34 13.37 -1.78 5.17
CA ALA A 34 12.02 -1.27 4.96
C ALA A 34 11.91 -0.53 3.64
N VAL A 35 12.94 0.26 3.29
CA VAL A 35 12.93 1.01 2.03
C VAL A 35 12.70 0.09 0.85
N GLU A 36 13.41 -1.03 0.80
CA GLU A 36 13.27 -1.91 -0.35
C GLU A 36 11.88 -2.51 -0.45
N TRP A 37 11.28 -2.87 0.69
CA TRP A 37 9.94 -3.42 0.65
C TRP A 37 8.94 -2.33 0.27
N TYR A 38 9.10 -1.10 0.78
CA TYR A 38 8.22 -0.02 0.34
C TYR A 38 8.31 0.19 -1.17
N LYS A 39 9.50 0.15 -1.74
CA LYS A 39 9.61 0.32 -3.19
C LYS A 39 8.85 -0.77 -3.92
N LYS A 40 8.95 -2.01 -3.45
CA LYS A 40 8.20 -3.08 -4.09
C LYS A 40 6.71 -2.86 -3.97
N GLY A 41 6.26 -2.44 -2.79
CA GLY A 41 4.85 -2.21 -2.60
C GLY A 41 4.32 -1.06 -3.43
N ILE A 42 5.09 0.03 -3.52
CA ILE A 42 4.68 1.17 -4.33
C ILE A 42 4.52 0.78 -5.78
N GLU A 43 5.43 -0.03 -6.31
CA GLU A 43 5.29 -0.47 -7.70
C GLU A 43 3.98 -1.23 -7.90
N GLU A 44 3.64 -2.14 -6.98
CA GLU A 44 2.41 -2.90 -7.12
C GLU A 44 1.19 -1.99 -7.01
N LEU A 45 1.24 -1.03 -6.07
CA LEU A 45 0.15 -0.08 -5.92
C LEU A 45 -0.06 0.70 -7.20
N GLU A 46 1.02 1.23 -7.78
CA GLU A 46 0.89 2.07 -8.97
C GLU A 46 0.26 1.28 -10.12
N LYS A 47 0.75 0.06 -10.32
CA LYS A 47 0.19 -0.76 -11.39
C LYS A 47 -1.26 -1.10 -11.12
N GLY A 48 -1.56 -1.46 -9.89
CA GLY A 48 -2.92 -1.86 -9.56
C GLY A 48 -3.93 -0.73 -9.69
N ILE A 49 -3.55 0.47 -9.25
CA ILE A 49 -4.45 1.62 -9.35
C ILE A 49 -4.72 1.98 -10.80
N ALA A 50 -3.73 1.77 -11.68
CA ALA A 50 -3.85 2.15 -13.07
C ALA A 50 -4.54 1.11 -13.93
N VAL A 51 -4.81 -0.09 -13.41
CA VAL A 51 -5.54 -1.07 -14.19
C VAL A 51 -6.86 -0.47 -14.64
N ILE A 52 -7.16 -0.61 -15.91
CA ILE A 52 -8.41 -0.10 -16.45
C ILE A 52 -9.53 -1.06 -16.08
N VAL A 53 -10.55 -0.53 -15.43
CA VAL A 53 -11.75 -1.28 -15.07
C VAL A 53 -12.92 -0.65 -15.84
N THR A 54 -13.54 -1.44 -16.71
CA THR A 54 -14.54 -0.95 -17.63
C THR A 54 -15.93 -1.40 -17.19
N GLY A 55 -16.91 -0.52 -17.38
CA GLY A 55 -18.28 -0.88 -17.18
C GLY A 55 -18.68 -0.93 -15.72
N GLN A 56 -19.95 -1.24 -15.50
CA GLN A 56 -20.51 -1.33 -14.17
C GLN A 56 -20.78 -2.79 -13.83
N GLY A 57 -21.36 -3.01 -12.66
CA GLY A 57 -21.54 -4.34 -12.13
C GLY A 57 -20.72 -4.54 -10.87
N GLU A 58 -21.10 -5.55 -10.10
CA GLU A 58 -20.58 -5.70 -8.74
C GLU A 58 -19.08 -5.91 -8.72
N GLN A 59 -18.55 -6.72 -9.64
CA GLN A 59 -17.13 -7.01 -9.59
C GLN A 59 -16.31 -5.81 -10.01
N CYS A 60 -16.79 -5.03 -10.98
CA CYS A 60 -16.13 -3.79 -11.34
C CYS A 60 -16.13 -2.83 -10.16
N GLU A 61 -17.28 -2.67 -9.50
CA GLU A 61 -17.37 -1.78 -8.36
C GLU A 61 -16.44 -2.21 -7.24
N ARG A 62 -16.37 -3.51 -6.96
CA ARG A 62 -15.48 -3.98 -5.90
C ARG A 62 -14.04 -3.66 -6.24
N ALA A 63 -13.65 -3.86 -7.51
CA ALA A 63 -12.29 -3.57 -7.91
C ALA A 63 -11.98 -2.10 -7.77
N ARG A 64 -12.90 -1.24 -8.17
CA ARG A 64 -12.66 0.18 -8.03
C ARG A 64 -12.53 0.60 -6.57
N ARG A 65 -13.29 -0.04 -5.68
CA ARG A 65 -13.15 0.26 -4.26
C ARG A 65 -11.78 -0.12 -3.74
N LEU A 66 -11.24 -1.26 -4.17
CA LEU A 66 -9.88 -1.61 -3.82
C LEU A 66 -8.90 -0.57 -4.35
N GLN A 67 -9.09 -0.11 -5.59
CA GLN A 67 -8.18 0.87 -6.15
C GLN A 67 -8.20 2.17 -5.37
N ALA A 68 -9.37 2.58 -4.87
CA ALA A 68 -9.42 3.81 -4.08
C ALA A 68 -8.63 3.67 -2.78
N LYS A 69 -8.75 2.52 -2.10
CA LYS A 69 -7.97 2.33 -0.88
C LYS A 69 -6.48 2.25 -1.19
N MET A 70 -6.13 1.61 -2.30
CA MET A 70 -4.74 1.57 -2.73
CA MET A 70 -4.74 1.57 -2.72
C MET A 70 -4.20 2.97 -2.97
N MET A 71 -5.01 3.83 -3.57
CA MET A 71 -4.55 5.19 -3.87
C MET A 71 -4.26 5.96 -2.60
N THR A 72 -5.15 5.86 -1.60
CA THR A 72 -4.86 6.53 -0.34
C THR A 72 -3.54 6.03 0.24
N ASN A 73 -3.32 4.74 0.17
CA ASN A 73 -2.10 4.17 0.75
C ASN A 73 -0.87 4.61 -0.05
N LEU A 74 -0.97 4.69 -1.38
CA LEU A 74 0.16 5.09 -2.22
C LEU A 74 0.67 6.46 -1.84
N VAL A 75 -0.23 7.39 -1.63
CA VAL A 75 0.21 8.73 -1.22
C VAL A 75 1.00 8.66 0.06
N MET A 76 0.52 7.90 1.03
CA MET A 76 1.22 7.85 2.30
CA MET A 76 1.18 7.76 2.33
C MET A 76 2.53 7.08 2.19
N ALA A 77 2.58 6.03 1.36
CA ALA A 77 3.81 5.27 1.22
C ALA A 77 4.91 6.10 0.59
N LYS A 78 4.59 6.85 -0.46
CA LYS A 78 5.60 7.70 -1.09
C LYS A 78 6.06 8.77 -0.13
N ASP A 79 5.15 9.31 0.67
CA ASP A 79 5.51 10.30 1.67
C ASP A 79 6.45 9.73 2.73
N ARG A 80 6.23 8.48 3.14
CA ARG A 80 7.14 7.88 4.11
C ARG A 80 8.50 7.61 3.49
N LEU A 81 8.52 7.10 2.26
CA LEU A 81 9.78 6.68 1.64
C LEU A 81 10.74 7.83 1.48
N GLN A 82 10.23 9.05 1.26
CA GLN A 82 11.12 10.18 1.04
C GLN A 82 11.97 10.46 2.27
N LEU A 83 11.54 10.03 3.45
CA LEU A 83 12.22 10.33 4.70
C LEU A 83 13.27 9.30 5.10
N LEU A 84 13.38 8.20 4.36
CA LEU A 84 14.25 7.11 4.76
C LEU A 84 15.49 7.00 3.88
N ASP B 6 -11.08 -6.84 10.29
CA ASP B 6 -10.66 -7.17 8.94
C ASP B 6 -9.67 -6.11 8.45
N ILE B 7 -8.38 -6.47 8.38
CA ILE B 7 -7.34 -5.52 8.02
C ILE B 7 -7.38 -5.29 6.51
N ASP B 8 -7.53 -4.03 6.10
CA ASP B 8 -7.53 -3.62 4.70
C ASP B 8 -6.53 -2.49 4.51
N PHE B 9 -6.48 -1.92 3.32
CA PHE B 9 -5.48 -0.89 3.09
C PHE B 9 -5.68 0.33 3.95
N ASP B 10 -6.92 0.66 4.30
CA ASP B 10 -7.14 1.82 5.16
C ASP B 10 -6.49 1.61 6.52
N ASP B 11 -6.47 0.36 7.01
CA ASP B 11 -5.76 0.09 8.26
C ASP B 11 -4.25 0.28 8.09
N LEU B 12 -3.71 -0.08 6.92
CA LEU B 12 -2.29 0.18 6.68
C LEU B 12 -2.02 1.68 6.56
N SER B 13 -2.94 2.43 5.95
CA SER B 13 -2.77 3.87 5.87
C SER B 13 -2.75 4.50 7.27
N ARG B 14 -3.57 3.99 8.18
CA ARG B 14 -3.51 4.48 9.56
C ARG B 14 -2.16 4.18 10.20
N ARG B 15 -1.56 3.04 9.86
CA ARG B 15 -0.23 2.76 10.39
C ARG B 15 0.80 3.76 9.86
N PHE B 16 0.68 4.18 8.61
CA PHE B 16 1.55 5.25 8.13
C PHE B 16 1.31 6.54 8.91
N GLU B 17 0.06 6.85 9.21
CA GLU B 17 -0.22 8.07 9.95
C GLU B 17 0.43 8.04 11.33
N GLU B 18 0.38 6.89 11.97
CA GLU B 18 1.03 6.77 13.28
C GLU B 18 2.53 6.92 13.18
N LEU B 19 3.16 6.40 12.13
CA LEU B 19 4.60 6.61 11.96
C LEU B 19 4.90 8.09 11.75
N LYS B 20 4.04 8.77 10.99
CA LYS B 20 4.27 10.18 10.66
C LYS B 20 4.19 11.04 11.91
N LYS B 21 3.27 10.72 12.82
CA LYS B 21 3.16 11.49 14.05
C LYS B 21 4.39 11.37 14.91
N LYS B 22 5.20 10.33 14.73
CA LYS B 22 6.46 10.20 15.47
C LYS B 22 7.63 10.87 14.76
N THR B 23 7.45 11.37 13.54
CA THR B 23 8.51 12.09 12.85
C THR B 23 8.67 13.48 13.47
#